data_4F72
#
_entry.id   4F72
#
_cell.length_a   55.156
_cell.length_b   78.634
_cell.length_c   117.292
_cell.angle_alpha   90.00
_cell.angle_beta   90.00
_cell.angle_gamma   90.00
#
_symmetry.space_group_name_H-M   'P 21 21 21'
#
loop_
_entity.id
_entity.type
_entity.pdbx_description
1 polymer 'Putative haloacid dehalogenase-like hydrolase'
2 non-polymer 'MAGNESIUM ION'
3 non-polymer 'PHOSPHATE ION'
4 non-polymer GLYCEROL
5 water water
#
_entity_poly.entity_id   1
_entity_poly.type   'polypeptide(L)'
_entity_poly.pdbx_seq_one_letter_code
;MHHHHHHSSGVDLGTENLYFQSMKSKGIKNLLIALGGVLINLDRERCIENFKKIGFQNIEEKFCTHQLDGIFLQQEKGLI
TPAEFRDGIREMMGKMVSDKQIDAAWNSFLVDIPTYKLDLLLKLREKYVVYLLSNTNDIHWKWVCKNAFPYRTFKVEDYF
EKTYLSYEMKMAKPEPEIFKAVTEDAGIDPKETFFIDDSEINCKVAQELGISTYTPKAGEDWSHLFRKK
;
_entity_poly.pdbx_strand_id   A,B
#
loop_
_chem_comp.id
_chem_comp.type
_chem_comp.name
_chem_comp.formula
GOL non-polymer GLYCEROL 'C3 H8 O3'
MG non-polymer 'MAGNESIUM ION' 'Mg 2'
PO4 non-polymer 'PHOSPHATE ION' 'O4 P -3'
#
# COMPACT_ATOMS: atom_id res chain seq x y z
N GLY A 27 -1.70 23.98 -18.92
CA GLY A 27 -3.12 24.24 -19.30
C GLY A 27 -4.01 23.05 -19.00
N ILE A 28 -4.48 22.96 -17.76
CA ILE A 28 -5.31 21.84 -17.34
C ILE A 28 -6.74 21.97 -17.85
N LYS A 29 -7.22 20.89 -18.48
CA LYS A 29 -8.59 20.86 -18.98
C LYS A 29 -9.45 19.93 -18.14
N ASN A 30 -8.81 18.93 -17.54
CA ASN A 30 -9.49 17.89 -16.77
C ASN A 30 -9.11 17.87 -15.30
N LEU A 31 -9.99 17.29 -14.48
CA LEU A 31 -9.70 17.06 -13.08
C LEU A 31 -10.12 15.65 -12.71
N LEU A 32 -9.26 14.96 -11.98
CA LEU A 32 -9.61 13.70 -11.34
C LEU A 32 -9.66 13.91 -9.83
N ILE A 33 -10.78 13.57 -9.22
CA ILE A 33 -10.95 13.75 -7.78
C ILE A 33 -11.15 12.41 -7.06
N ALA A 34 -10.41 12.20 -5.98
CA ALA A 34 -10.66 11.05 -5.10
C ALA A 34 -12.00 11.25 -4.37
N LEU A 35 -12.49 10.20 -3.71
CA LEU A 35 -13.73 10.29 -2.94
C LEU A 35 -13.48 10.57 -1.45
N GLY A 36 -12.67 9.73 -0.82
CA GLY A 36 -12.47 9.82 0.63
C GLY A 36 -11.63 11.00 1.09
N GLY A 37 -12.01 11.55 2.24
CA GLY A 37 -11.32 12.72 2.77
C GLY A 37 -11.48 13.93 1.88
N VAL A 38 -11.14 13.78 0.60
CA VAL A 38 -11.21 14.84 -0.39
C VAL A 38 -12.63 15.39 -0.54
N LEU A 39 -13.61 14.48 -0.50
CA LEU A 39 -15.02 14.85 -0.62
C LEU A 39 -15.79 14.38 0.59
N ILE A 40 -15.71 13.10 0.88
CA ILE A 40 -16.49 12.55 1.99
C ILE A 40 -15.66 12.28 3.24
N ASN A 41 -16.07 12.90 4.35
CA ASN A 41 -15.41 12.68 5.64
C ASN A 41 -15.59 11.26 6.09
N LEU A 42 -14.51 10.70 6.63
CA LEU A 42 -14.49 9.31 7.06
C LEU A 42 -14.40 9.26 8.58
N ASP A 43 -14.84 8.16 9.16
CA ASP A 43 -14.75 7.98 10.60
C ASP A 43 -14.50 6.53 10.96
N ARG A 44 -13.24 6.15 11.00
CA ARG A 44 -12.89 4.76 11.26
C ARG A 44 -13.35 4.30 12.65
N GLU A 45 -13.17 5.15 13.66
CA GLU A 45 -13.54 4.80 15.03
C GLU A 45 -14.99 4.37 15.07
N ARG A 46 -15.86 5.24 14.57
CA ARG A 46 -17.28 4.97 14.52
C ARG A 46 -17.56 3.61 13.90
N CYS A 47 -16.96 3.38 12.73
CA CYS A 47 -17.13 2.12 12.02
C CYS A 47 -16.71 0.93 12.88
N ILE A 48 -15.50 1.01 13.44
CA ILE A 48 -14.98 0.00 14.35
C ILE A 48 -16.00 -0.31 15.45
N GLU A 49 -16.46 0.75 16.13
CA GLU A 49 -17.41 0.65 17.23
C GLU A 49 -18.72 -0.02 16.83
N ASN A 50 -19.29 0.44 15.71
CA ASN A 50 -20.50 -0.17 15.17
C ASN A 50 -20.32 -1.63 14.85
N PHE A 51 -19.14 -1.98 14.35
CA PHE A 51 -18.86 -3.38 14.08
C PHE A 51 -18.79 -4.19 15.36
N LYS A 52 -18.17 -3.62 16.37
CA LYS A 52 -18.04 -4.28 17.65
C LYS A 52 -19.40 -4.48 18.29
N LYS A 53 -20.25 -3.49 18.14
CA LYS A 53 -21.58 -3.52 18.72
C LYS A 53 -22.38 -4.69 18.18
N ILE A 54 -22.18 -5.00 16.92
CA ILE A 54 -22.93 -6.09 16.30
C ILE A 54 -22.26 -7.44 16.48
N GLY A 55 -21.20 -7.50 17.27
CA GLY A 55 -20.52 -8.76 17.52
C GLY A 55 -19.20 -9.10 16.86
N PHE A 56 -18.57 -8.17 16.18
CA PHE A 56 -17.27 -8.45 15.59
C PHE A 56 -16.27 -7.96 16.60
N GLN A 57 -15.61 -8.85 17.33
CA GLN A 57 -14.72 -8.41 18.40
C GLN A 57 -13.38 -7.89 17.88
N ASN A 58 -12.75 -8.64 17.00
CA ASN A 58 -11.42 -8.28 16.52
C ASN A 58 -11.48 -7.49 15.21
N ILE A 59 -12.55 -6.72 15.03
CA ILE A 59 -12.74 -5.97 13.80
C ILE A 59 -11.50 -5.16 13.41
N GLU A 60 -10.82 -4.62 14.40
CA GLU A 60 -9.73 -3.69 14.12
C GLU A 60 -8.46 -4.39 13.67
N GLU A 61 -8.29 -5.64 14.10
CA GLU A 61 -7.15 -6.42 13.67
C GLU A 61 -7.44 -6.97 12.28
N LYS A 62 -8.72 -7.20 12.01
CA LYS A 62 -9.13 -7.79 10.74
C LYS A 62 -8.76 -6.97 9.51
N PHE A 63 -8.83 -5.65 9.62
CA PHE A 63 -8.50 -4.78 8.50
C PHE A 63 -7.48 -3.72 8.92
N GLY A 70 -7.57 -9.37 2.32
CA GLY A 70 -8.74 -10.16 2.69
C GLY A 70 -9.90 -9.93 1.74
N ILE A 71 -11.12 -9.93 2.28
CA ILE A 71 -12.31 -9.66 1.46
C ILE A 71 -12.45 -8.16 1.16
N PHE A 72 -11.87 -7.33 2.01
CA PHE A 72 -11.92 -5.89 1.80
C PHE A 72 -11.19 -5.54 0.52
N LEU A 73 -10.01 -6.12 0.33
CA LEU A 73 -9.21 -5.84 -0.84
C LEU A 73 -9.87 -6.41 -2.09
N GLN A 74 -10.47 -7.58 -1.94
CA GLN A 74 -11.18 -8.22 -3.05
C GLN A 74 -12.42 -7.43 -3.43
N GLN A 75 -13.21 -7.08 -2.43
CA GLN A 75 -14.40 -6.25 -2.59
C GLN A 75 -14.06 -4.97 -3.34
N GLU A 76 -12.95 -4.36 -2.94
CA GLU A 76 -12.51 -3.12 -3.55
C GLU A 76 -12.20 -3.31 -5.02
N LYS A 77 -11.70 -4.48 -5.40
CA LYS A 77 -11.42 -4.74 -6.81
C LYS A 77 -12.62 -5.34 -7.50
N GLY A 78 -13.69 -5.53 -6.73
CA GLY A 78 -14.92 -6.10 -7.25
C GLY A 78 -14.65 -7.53 -7.67
N LEU A 79 -13.71 -8.18 -7.01
CA LEU A 79 -13.37 -9.56 -7.31
C LEU A 79 -14.37 -10.51 -6.63
N ILE A 80 -15.15 -9.97 -5.69
CA ILE A 80 -16.23 -10.73 -5.09
C ILE A 80 -17.54 -9.97 -5.23
N THR A 81 -18.58 -10.44 -4.55
CA THR A 81 -19.88 -9.79 -4.61
C THR A 81 -20.26 -9.26 -3.24
N PRO A 82 -21.08 -8.19 -3.20
CA PRO A 82 -21.58 -7.73 -1.91
C PRO A 82 -22.13 -8.89 -1.10
N ALA A 83 -22.73 -9.86 -1.79
CA ALA A 83 -23.29 -11.03 -1.14
C ALA A 83 -22.20 -11.81 -0.42
N GLU A 84 -21.14 -12.11 -1.17
CA GLU A 84 -20.03 -12.91 -0.64
C GLU A 84 -19.29 -12.12 0.43
N PHE A 85 -19.20 -10.81 0.23
CA PHE A 85 -18.61 -9.94 1.25
C PHE A 85 -19.30 -10.15 2.59
N ARG A 86 -20.62 -9.99 2.61
CA ARG A 86 -21.38 -10.12 3.85
C ARG A 86 -21.17 -11.50 4.45
N ASP A 87 -21.07 -12.49 3.58
CA ASP A 87 -20.83 -13.85 4.00
C ASP A 87 -19.47 -13.94 4.65
N GLY A 88 -18.50 -13.28 4.04
CA GLY A 88 -17.15 -13.29 4.56
C GLY A 88 -17.15 -12.65 5.92
N ILE A 89 -17.88 -11.56 6.05
CA ILE A 89 -17.97 -10.85 7.31
C ILE A 89 -18.59 -11.76 8.35
N ARG A 90 -19.66 -12.44 7.96
CA ARG A 90 -20.32 -13.37 8.85
C ARG A 90 -19.41 -14.52 9.20
N GLU A 91 -18.73 -15.02 8.16
CA GLU A 91 -17.87 -16.20 8.26
C GLU A 91 -16.72 -16.04 9.22
N MET A 92 -16.06 -14.90 9.17
CA MET A 92 -14.96 -14.69 10.07
C MET A 92 -15.54 -14.07 11.32
N MET A 93 -16.82 -13.78 11.27
CA MET A 93 -17.50 -13.17 12.38
C MET A 93 -18.06 -14.16 13.39
N GLY A 94 -18.29 -15.39 12.96
CA GLY A 94 -18.83 -16.42 13.83
C GLY A 94 -20.23 -16.18 14.38
N LYS A 95 -21.05 -15.47 13.62
CA LYS A 95 -22.43 -15.21 14.00
C LYS A 95 -23.26 -14.86 12.77
N MET A 96 -24.55 -15.08 12.83
CA MET A 96 -25.40 -14.77 11.70
C MET A 96 -26.04 -13.43 12.00
N VAL A 97 -25.82 -12.48 11.10
CA VAL A 97 -26.35 -11.14 11.25
C VAL A 97 -26.99 -10.68 9.97
N SER A 98 -27.91 -9.76 10.12
CA SER A 98 -28.65 -9.21 9.01
C SER A 98 -27.78 -8.46 8.03
N ASP A 99 -28.11 -8.55 6.77
CA ASP A 99 -27.36 -7.84 5.76
C ASP A 99 -27.46 -6.36 6.05
N LYS A 100 -28.63 -5.91 6.52
CA LYS A 100 -28.82 -4.52 6.85
C LYS A 100 -27.93 -4.08 8.01
N GLN A 101 -27.83 -4.90 9.05
CA GLN A 101 -26.96 -4.61 10.17
C GLN A 101 -25.51 -4.47 9.69
N ILE A 102 -25.08 -5.41 8.85
CA ILE A 102 -23.75 -5.38 8.27
C ILE A 102 -23.52 -4.16 7.38
N ASP A 103 -24.44 -3.89 6.46
CA ASP A 103 -24.31 -2.70 5.60
C ASP A 103 -24.32 -1.44 6.46
N ALA A 104 -25.13 -1.47 7.51
CA ALA A 104 -25.24 -0.34 8.43
C ALA A 104 -23.87 0.00 9.02
N ALA A 105 -23.26 -0.99 9.66
CA ALA A 105 -21.96 -0.80 10.31
C ALA A 105 -20.87 -0.43 9.31
N TRP A 106 -20.83 -1.14 8.18
CA TRP A 106 -19.85 -0.87 7.13
C TRP A 106 -19.98 0.57 6.58
N ASN A 107 -21.21 1.05 6.47
CA ASN A 107 -21.46 2.38 5.90
C ASN A 107 -21.22 3.51 6.89
N SER A 108 -21.17 3.16 8.17
CA SER A 108 -20.92 4.16 9.22
C SER A 108 -19.51 4.77 9.13
N PHE A 109 -18.67 4.20 8.29
CA PHE A 109 -17.32 4.72 8.04
C PHE A 109 -17.44 6.04 7.27
N LEU A 110 -18.51 6.16 6.51
CA LEU A 110 -18.78 7.34 5.73
C LEU A 110 -19.57 8.31 6.57
N VAL A 111 -19.17 9.58 6.56
CA VAL A 111 -19.91 10.56 7.30
C VAL A 111 -20.74 11.46 6.40
N ASP A 112 -20.08 12.32 5.64
CA ASP A 112 -20.79 13.34 4.90
C ASP A 112 -19.88 14.08 3.93
N ILE A 113 -20.50 14.66 2.90
CA ILE A 113 -19.81 15.57 2.00
C ILE A 113 -20.27 17.00 2.30
N PRO A 114 -19.40 17.81 2.91
CA PRO A 114 -19.92 19.14 3.20
C PRO A 114 -20.51 19.74 1.91
N THR A 115 -21.71 20.28 1.99
CA THR A 115 -22.38 20.75 0.77
C THR A 115 -21.63 21.80 -0.02
N TYR A 116 -20.67 22.49 0.59
CA TYR A 116 -19.91 23.50 -0.14
C TYR A 116 -18.93 22.85 -1.12
N LYS A 117 -18.57 21.60 -0.86
CA LYS A 117 -17.78 20.83 -1.81
C LYS A 117 -18.61 20.45 -3.03
N LEU A 118 -19.88 20.17 -2.80
CA LEU A 118 -20.77 19.92 -3.92
C LEU A 118 -20.93 21.18 -4.79
N ASP A 119 -21.12 22.34 -4.16
CA ASP A 119 -21.17 23.59 -4.92
C ASP A 119 -19.90 23.71 -5.74
N LEU A 120 -18.77 23.40 -5.10
CA LEU A 120 -17.48 23.53 -5.76
C LEU A 120 -17.41 22.66 -7.01
N LEU A 121 -17.95 21.44 -6.91
CA LEU A 121 -17.95 20.55 -8.06
C LEU A 121 -18.71 21.20 -9.21
N LEU A 122 -19.96 21.58 -8.93
CA LEU A 122 -20.80 22.21 -9.95
C LEU A 122 -20.16 23.45 -10.54
N LYS A 123 -19.54 24.28 -9.70
CA LYS A 123 -18.92 25.48 -10.21
C LYS A 123 -17.74 25.13 -11.10
N LEU A 124 -17.08 24.04 -10.79
CA LEU A 124 -15.85 23.63 -11.47
C LEU A 124 -16.09 23.12 -12.88
N ARG A 125 -17.23 22.47 -13.09
CA ARG A 125 -17.56 21.95 -14.41
C ARG A 125 -17.70 23.08 -15.44
N GLU A 126 -17.88 24.31 -14.96
CA GLU A 126 -17.86 25.47 -15.84
C GLU A 126 -16.54 25.63 -16.58
N LYS A 127 -15.43 25.27 -15.93
CA LYS A 127 -14.10 25.52 -16.50
C LYS A 127 -13.31 24.27 -16.80
N TYR A 128 -13.84 23.11 -16.40
CA TYR A 128 -13.14 21.86 -16.57
C TYR A 128 -14.11 20.72 -16.81
N VAL A 129 -13.56 19.61 -17.32
CA VAL A 129 -14.25 18.32 -17.30
C VAL A 129 -13.84 17.60 -16.01
N VAL A 130 -14.83 17.08 -15.28
CA VAL A 130 -14.60 16.59 -13.92
C VAL A 130 -14.98 15.14 -13.74
N TYR A 131 -13.97 14.31 -13.42
CA TYR A 131 -14.18 12.89 -13.23
C TYR A 131 -13.89 12.47 -11.79
N LEU A 132 -14.61 11.47 -11.30
CA LEU A 132 -14.27 10.78 -10.07
C LEU A 132 -13.37 9.56 -10.32
N LEU A 133 -12.33 9.40 -9.52
CA LEU A 133 -11.49 8.20 -9.57
C LEU A 133 -11.34 7.66 -8.16
N SER A 134 -12.13 6.65 -7.83
CA SER A 134 -12.31 6.25 -6.44
C SER A 134 -12.08 4.76 -6.17
N ASN A 135 -11.25 4.43 -5.20
CA ASN A 135 -11.16 3.06 -4.73
C ASN A 135 -12.30 2.84 -3.76
N THR A 136 -13.26 2.00 -4.13
CA THR A 136 -14.42 1.82 -3.28
C THR A 136 -15.10 0.49 -3.56
N ASN A 137 -16.28 0.32 -3.00
CA ASN A 137 -17.02 -0.92 -3.16
C ASN A 137 -18.50 -0.59 -3.40
N ASP A 138 -19.23 -1.54 -3.97
CA ASP A 138 -20.63 -1.32 -4.29
C ASP A 138 -21.48 -0.85 -3.10
N ILE A 139 -21.31 -1.49 -1.95
CA ILE A 139 -22.08 -1.14 -0.76
C ILE A 139 -21.90 0.32 -0.35
N HIS A 140 -20.65 0.78 -0.36
CA HIS A 140 -20.35 2.16 -0.04
C HIS A 140 -20.90 3.06 -1.14
N TRP A 141 -20.62 2.69 -2.38
CA TRP A 141 -21.01 3.53 -3.50
C TRP A 141 -22.50 3.80 -3.51
N LYS A 142 -23.29 2.81 -3.14
CA LYS A 142 -24.73 3.01 -3.14
C LYS A 142 -25.17 3.92 -1.99
N TRP A 143 -24.44 3.87 -0.88
CA TRP A 143 -24.74 4.74 0.24
C TRP A 143 -24.45 6.20 -0.12
N VAL A 144 -23.28 6.46 -0.67
CA VAL A 144 -22.94 7.83 -1.05
C VAL A 144 -23.92 8.38 -2.08
N CYS A 145 -24.35 7.51 -3.00
CA CYS A 145 -25.25 7.98 -4.06
C CYS A 145 -26.64 8.31 -3.53
N LYS A 146 -27.09 7.53 -2.56
CA LYS A 146 -28.37 7.80 -1.95
C LYS A 146 -28.26 8.93 -0.93
N ASN A 147 -27.20 8.90 -0.14
CA ASN A 147 -27.14 9.70 1.08
C ASN A 147 -26.27 10.95 1.06
N ALA A 148 -25.33 11.02 0.12
CA ALA A 148 -24.32 12.07 0.17
C ALA A 148 -24.35 13.00 -1.03
N PHE A 149 -24.48 12.44 -2.23
CA PHE A 149 -24.52 13.25 -3.44
C PHE A 149 -25.85 13.96 -3.66
N PRO A 150 -26.95 13.40 -3.22
CA PRO A 150 -28.21 14.09 -3.48
C PRO A 150 -28.16 15.43 -2.78
N TYR A 151 -28.33 16.48 -3.56
CA TYR A 151 -28.28 17.82 -3.06
C TYR A 151 -29.13 18.72 -3.94
N ARG A 152 -30.14 19.34 -3.36
CA ARG A 152 -31.01 20.18 -4.14
C ARG A 152 -31.58 19.31 -5.23
N THR A 153 -31.51 19.79 -6.46
CA THR A 153 -32.00 19.03 -7.59
C THR A 153 -30.98 18.02 -8.13
N PHE A 154 -29.72 18.17 -7.74
CA PHE A 154 -28.64 17.34 -8.25
C PHE A 154 -28.47 15.93 -7.71
N LYS A 155 -27.87 15.08 -8.53
CA LYS A 155 -27.59 13.68 -8.23
C LYS A 155 -26.16 13.39 -8.66
N VAL A 156 -25.62 12.28 -8.18
CA VAL A 156 -24.24 11.94 -8.48
C VAL A 156 -23.90 12.21 -9.95
N GLU A 157 -24.84 11.91 -10.83
CA GLU A 157 -24.66 12.13 -12.27
C GLU A 157 -24.31 13.57 -12.60
N ASP A 158 -24.71 14.49 -11.73
CA ASP A 158 -24.59 15.91 -12.05
C ASP A 158 -23.21 16.49 -11.82
N TYR A 159 -22.40 15.80 -11.04
CA TYR A 159 -21.11 16.36 -10.65
C TYR A 159 -19.97 15.91 -11.56
N PHE A 160 -20.08 14.72 -12.12
CA PHE A 160 -18.97 14.13 -12.86
C PHE A 160 -19.31 13.73 -14.31
N GLU A 161 -18.43 14.08 -15.24
CA GLU A 161 -18.53 13.56 -16.60
C GLU A 161 -18.71 12.05 -16.58
N LYS A 162 -18.00 11.39 -15.67
CA LYS A 162 -18.13 9.94 -15.47
C LYS A 162 -17.41 9.55 -14.18
N THR A 163 -17.87 8.51 -13.53
CA THR A 163 -17.20 8.05 -12.32
C THR A 163 -16.49 6.74 -12.58
N TYR A 164 -15.21 6.70 -12.28
CA TYR A 164 -14.43 5.48 -12.39
C TYR A 164 -14.25 4.86 -11.02
N LEU A 165 -14.93 3.73 -10.80
CA LEU A 165 -14.89 3.02 -9.52
C LEU A 165 -14.05 1.76 -9.60
N SER A 166 -13.17 1.59 -8.62
CA SER A 166 -12.27 0.43 -8.60
C SER A 166 -13.05 -0.85 -8.79
N TYR A 167 -14.12 -1.02 -8.03
CA TYR A 167 -14.81 -2.31 -7.97
C TYR A 167 -15.56 -2.62 -9.25
N GLU A 168 -15.69 -1.63 -10.11
CA GLU A 168 -16.31 -1.82 -11.41
C GLU A 168 -15.20 -2.03 -12.43
N MET A 169 -14.15 -1.24 -12.30
CA MET A 169 -12.96 -1.32 -13.14
C MET A 169 -12.20 -2.61 -12.95
N LYS A 170 -12.21 -3.10 -11.72
CA LYS A 170 -11.54 -4.35 -11.41
C LYS A 170 -10.07 -4.14 -11.15
N MET A 171 -9.66 -2.89 -11.13
CA MET A 171 -8.29 -2.54 -10.78
C MET A 171 -8.37 -1.43 -9.75
N ALA A 172 -7.33 -1.24 -8.96
CA ALA A 172 -7.39 -0.22 -7.93
C ALA A 172 -6.16 0.64 -7.81
N LYS A 173 -6.35 1.87 -7.36
CA LYS A 173 -5.23 2.75 -7.08
C LYS A 173 -4.38 2.08 -6.00
N PRO A 174 -3.05 2.26 -6.06
CA PRO A 174 -2.34 3.06 -7.06
C PRO A 174 -1.73 2.22 -8.19
N GLU A 175 -2.46 1.22 -8.71
CA GLU A 175 -1.95 0.52 -9.88
C GLU A 175 -1.85 1.50 -11.03
N PRO A 176 -0.67 1.60 -11.64
CA PRO A 176 -0.52 2.38 -12.87
C PRO A 176 -1.62 2.04 -13.88
N GLU A 177 -1.91 0.75 -14.02
CA GLU A 177 -3.00 0.29 -14.85
C GLU A 177 -4.15 1.29 -14.80
N ILE A 178 -4.68 1.53 -13.60
CA ILE A 178 -5.93 2.26 -13.41
C ILE A 178 -5.88 3.69 -13.95
N PHE A 179 -4.74 4.35 -13.78
CA PHE A 179 -4.57 5.70 -14.30
C PHE A 179 -4.55 5.73 -15.84
N LYS A 180 -3.79 4.83 -16.44
CA LYS A 180 -3.74 4.74 -17.87
C LYS A 180 -5.11 4.34 -18.36
N ALA A 181 -5.74 3.44 -17.63
CA ALA A 181 -7.03 2.93 -18.02
C ALA A 181 -8.05 4.05 -18.05
N VAL A 182 -7.99 4.95 -17.08
CA VAL A 182 -8.92 6.07 -17.04
C VAL A 182 -8.78 7.05 -18.18
N THR A 183 -7.56 7.45 -18.49
CA THR A 183 -7.37 8.43 -19.53
C THR A 183 -7.84 7.90 -20.88
N GLU A 184 -7.54 6.65 -21.16
CA GLU A 184 -7.92 6.09 -22.42
C GLU A 184 -9.42 5.99 -22.61
N ASP A 185 -10.15 5.55 -21.60
CA ASP A 185 -11.59 5.44 -21.74
C ASP A 185 -12.18 6.82 -21.86
N ALA A 186 -11.67 7.71 -21.03
CA ALA A 186 -12.07 9.09 -21.02
C ALA A 186 -11.59 9.75 -22.29
N GLY A 187 -10.54 9.21 -22.85
CA GLY A 187 -9.90 9.87 -23.99
C GLY A 187 -9.41 11.26 -23.67
N ILE A 188 -8.68 11.40 -22.55
CA ILE A 188 -8.12 12.69 -22.16
C ILE A 188 -6.62 12.61 -22.10
N ASP A 189 -5.97 13.75 -22.35
CA ASP A 189 -4.52 13.84 -22.23
C ASP A 189 -4.11 13.96 -20.76
N PRO A 190 -3.21 13.06 -20.31
CA PRO A 190 -2.67 13.05 -18.94
C PRO A 190 -1.95 14.34 -18.62
N LYS A 191 -1.21 14.87 -19.60
CA LYS A 191 -0.48 16.12 -19.45
C LYS A 191 -1.40 17.27 -19.10
N GLU A 192 -2.70 17.09 -19.34
CA GLU A 192 -3.66 18.16 -19.16
C GLU A 192 -4.64 17.82 -18.04
N THR A 193 -4.28 16.81 -17.24
CA THR A 193 -5.15 16.36 -16.16
C THR A 193 -4.59 16.64 -14.78
N PHE A 194 -5.43 17.21 -13.89
CA PHE A 194 -5.04 17.46 -12.50
C PHE A 194 -5.75 16.48 -11.57
N PHE A 195 -4.95 15.79 -10.76
CA PHE A 195 -5.46 14.73 -9.90
C PHE A 195 -5.37 15.19 -8.44
N ILE A 196 -6.47 15.07 -7.73
CA ILE A 196 -6.54 15.47 -6.33
C ILE A 196 -6.93 14.26 -5.51
N ASP A 197 -6.04 13.87 -4.61
CA ASP A 197 -6.20 12.66 -3.83
C ASP A 197 -5.30 12.77 -2.60
N ASP A 198 -5.79 12.30 -1.46
CA ASP A 198 -5.10 12.50 -0.19
C ASP A 198 -4.09 11.40 0.08
N SER A 199 -3.89 10.50 -0.87
CA SER A 199 -2.90 9.45 -0.73
C SER A 199 -1.66 9.77 -1.52
N GLU A 200 -0.55 9.96 -0.82
CA GLU A 200 0.72 10.25 -1.44
C GLU A 200 1.08 9.30 -2.55
N ILE A 201 1.10 8.01 -2.25
CA ILE A 201 1.52 7.02 -3.21
C ILE A 201 0.67 7.14 -4.47
N ASN A 202 -0.64 7.28 -4.32
CA ASN A 202 -1.51 7.42 -5.48
C ASN A 202 -1.09 8.60 -6.35
N CYS A 203 -0.72 9.70 -5.69
CA CYS A 203 -0.33 10.88 -6.44
C CYS A 203 0.99 10.67 -7.18
N LYS A 204 1.95 10.03 -6.51
CA LYS A 204 3.28 9.84 -7.08
C LYS A 204 3.20 8.97 -8.32
N VAL A 205 2.36 7.93 -8.26
CA VAL A 205 2.17 7.07 -9.41
C VAL A 205 1.54 7.84 -10.57
N ALA A 206 0.46 8.57 -10.30
CA ALA A 206 -0.17 9.42 -11.31
C ALA A 206 0.83 10.39 -11.96
N GLN A 207 1.72 10.95 -11.15
CA GLN A 207 2.71 11.88 -11.68
C GLN A 207 3.58 11.22 -12.72
N GLU A 208 3.89 9.95 -12.52
CA GLU A 208 4.74 9.23 -13.42
C GLU A 208 4.14 9.20 -14.82
N LEU A 209 2.82 9.11 -14.86
CA LEU A 209 2.10 9.08 -16.12
C LEU A 209 1.89 10.48 -16.69
N GLY A 210 2.48 11.49 -16.04
CA GLY A 210 2.40 12.87 -16.53
C GLY A 210 1.31 13.74 -15.94
N ILE A 211 0.50 13.17 -15.04
CA ILE A 211 -0.61 13.89 -14.42
C ILE A 211 -0.14 14.80 -13.30
N SER A 212 -0.76 15.96 -13.16
CA SER A 212 -0.43 16.89 -12.07
C SER A 212 -1.29 16.57 -10.86
N THR A 213 -0.75 16.75 -9.67
CA THR A 213 -1.47 16.31 -8.47
C THR A 213 -1.37 17.25 -7.27
N TYR A 214 -2.40 17.16 -6.43
CA TYR A 214 -2.38 17.81 -5.13
C TYR A 214 -2.84 16.79 -4.11
N THR A 215 -2.12 16.74 -2.99
CA THR A 215 -2.47 15.86 -1.91
C THR A 215 -3.01 16.66 -0.74
N PRO A 216 -4.33 16.76 -0.62
CA PRO A 216 -4.99 17.49 0.47
C PRO A 216 -4.74 16.81 1.83
N LYS A 217 -4.78 17.59 2.90
CA LYS A 217 -4.66 17.03 4.24
C LYS A 217 -6.05 16.76 4.82
N ALA A 218 -6.13 15.87 5.80
CA ALA A 218 -7.42 15.55 6.44
C ALA A 218 -8.17 16.84 6.76
N GLY A 219 -9.43 16.93 6.34
CA GLY A 219 -10.24 18.11 6.61
C GLY A 219 -9.98 19.31 5.70
N GLU A 220 -8.92 19.26 4.90
CA GLU A 220 -8.57 20.41 4.06
C GLU A 220 -9.66 20.82 3.07
N ASP A 221 -9.91 22.12 3.02
CA ASP A 221 -10.76 22.71 2.01
C ASP A 221 -9.83 23.13 0.87
N TRP A 222 -9.80 22.33 -0.19
CA TRP A 222 -8.85 22.51 -1.27
C TRP A 222 -9.33 23.49 -2.32
N SER A 223 -10.40 24.20 -2.02
CA SER A 223 -10.93 25.22 -2.93
C SER A 223 -9.93 26.33 -3.26
N HIS A 224 -8.90 26.48 -2.43
CA HIS A 224 -7.89 27.50 -2.65
C HIS A 224 -7.16 27.26 -3.97
N LEU A 225 -7.27 26.05 -4.48
CA LEU A 225 -6.56 25.69 -5.71
C LEU A 225 -7.06 26.49 -6.90
N PHE A 226 -8.22 27.12 -6.75
CA PHE A 226 -8.86 27.80 -7.86
C PHE A 226 -9.23 29.25 -7.53
N ARG A 227 -8.38 29.96 -6.80
CA ARG A 227 -8.73 31.31 -6.34
C ARG A 227 -8.45 32.40 -7.38
N GLY B 27 17.47 -10.12 -22.95
CA GLY B 27 18.82 -9.50 -22.80
C GLY B 27 19.08 -8.98 -21.39
N ILE B 28 18.63 -9.72 -20.38
CA ILE B 28 18.83 -9.32 -19.00
C ILE B 28 20.30 -9.35 -18.57
N LYS B 29 20.74 -8.25 -17.96
CA LYS B 29 22.09 -8.19 -17.43
C LYS B 29 22.10 -8.05 -15.92
N ASN B 30 20.98 -7.59 -15.37
CA ASN B 30 20.93 -7.25 -13.94
C ASN B 30 19.76 -7.90 -13.20
N LEU B 31 19.95 -8.10 -11.90
CA LEU B 31 18.88 -8.61 -11.05
C LEU B 31 18.62 -7.70 -9.86
N LEU B 32 17.34 -7.37 -9.64
CA LEU B 32 16.93 -6.71 -8.42
C LEU B 32 16.21 -7.73 -7.54
N ILE B 33 16.68 -7.91 -6.32
CA ILE B 33 16.07 -8.89 -5.45
C ILE B 33 15.52 -8.26 -4.18
N ALA B 34 14.23 -8.49 -3.91
CA ALA B 34 13.64 -8.13 -2.63
C ALA B 34 14.24 -9.00 -1.51
N LEU B 35 14.03 -8.58 -0.27
CA LEU B 35 14.57 -9.31 0.88
C LEU B 35 13.52 -10.25 1.51
N GLY B 36 12.37 -9.70 1.87
CA GLY B 36 11.30 -10.47 2.49
C GLY B 36 10.61 -11.47 1.58
N GLY B 37 10.36 -12.66 2.10
CA GLY B 37 9.74 -13.72 1.30
C GLY B 37 10.75 -14.28 0.31
N VAL B 38 11.14 -13.43 -0.65
CA VAL B 38 12.08 -13.77 -1.70
C VAL B 38 13.34 -14.42 -1.15
N LEU B 39 13.94 -13.82 -0.14
CA LEU B 39 15.12 -14.40 0.49
C LEU B 39 14.85 -14.87 1.90
N ILE B 40 14.38 -13.97 2.76
CA ILE B 40 14.21 -14.36 4.16
C ILE B 40 12.76 -14.72 4.50
N ASN B 41 12.56 -15.92 5.03
CA ASN B 41 11.24 -16.34 5.47
C ASN B 41 10.81 -15.50 6.64
N LEU B 42 9.52 -15.17 6.65
CA LEU B 42 8.95 -14.26 7.61
C LEU B 42 7.92 -14.97 8.48
N ASP B 43 7.69 -14.43 9.67
CA ASP B 43 6.67 -14.98 10.54
C ASP B 43 5.96 -13.91 11.33
N ARG B 44 4.94 -13.33 10.73
CA ARG B 44 4.16 -12.28 11.36
C ARG B 44 3.53 -12.73 12.68
N GLU B 45 3.03 -13.96 12.71
CA GLU B 45 2.37 -14.51 13.90
C GLU B 45 3.31 -14.58 15.08
N ARG B 46 4.45 -15.23 14.88
CA ARG B 46 5.48 -15.29 15.91
C ARG B 46 5.78 -13.89 16.44
N CYS B 47 5.93 -12.96 15.52
CA CYS B 47 6.23 -11.59 15.88
C CYS B 47 5.14 -11.00 16.78
N ILE B 48 3.88 -11.18 16.38
CA ILE B 48 2.74 -10.69 17.16
C ILE B 48 2.69 -11.33 18.54
N GLU B 49 2.93 -12.64 18.59
CA GLU B 49 3.01 -13.35 19.86
C GLU B 49 4.11 -12.80 20.74
N ASN B 50 5.26 -12.52 20.15
CA ASN B 50 6.37 -12.00 20.95
C ASN B 50 6.08 -10.64 21.56
N PHE B 51 5.48 -9.75 20.79
CA PHE B 51 5.13 -8.45 21.31
C PHE B 51 4.11 -8.56 22.44
N LYS B 52 3.17 -9.48 22.32
CA LYS B 52 2.21 -9.71 23.39
C LYS B 52 2.92 -10.14 24.68
N LYS B 53 3.83 -11.08 24.58
CA LYS B 53 4.53 -11.61 25.73
C LYS B 53 5.22 -10.50 26.48
N ILE B 54 5.73 -9.51 25.77
CA ILE B 54 6.39 -8.40 26.41
C ILE B 54 5.39 -7.33 26.83
N GLY B 55 4.11 -7.61 26.62
CA GLY B 55 3.05 -6.71 27.01
C GLY B 55 2.36 -5.78 26.03
N PHE B 56 2.72 -5.87 24.76
CA PHE B 56 2.05 -5.08 23.73
C PHE B 56 0.86 -5.90 23.26
N GLN B 57 -0.22 -5.86 24.04
CA GLN B 57 -1.38 -6.70 23.75
C GLN B 57 -2.09 -6.44 22.42
N ASN B 58 -2.17 -5.19 22.02
CA ASN B 58 -2.91 -4.78 20.84
C ASN B 58 -2.03 -4.55 19.62
N ILE B 59 -0.89 -5.21 19.61
CA ILE B 59 0.06 -5.02 18.55
C ILE B 59 -0.61 -5.35 17.23
N GLU B 60 -1.46 -6.36 17.24
CA GLU B 60 -2.06 -6.83 16.00
C GLU B 60 -2.84 -5.73 15.30
N GLU B 61 -3.52 -4.88 16.04
CA GLU B 61 -4.17 -3.77 15.37
C GLU B 61 -3.18 -2.77 14.77
N LYS B 62 -2.15 -2.43 15.53
CA LYS B 62 -1.13 -1.49 15.07
C LYS B 62 -0.15 -1.90 13.95
N PHE B 63 0.44 -3.09 14.08
CA PHE B 63 1.43 -3.51 13.12
C PHE B 63 0.78 -4.24 11.98
N CYS B 64 0.74 -3.59 10.83
CA CYS B 64 0.16 -4.17 9.65
C CYS B 64 1.27 -4.32 8.61
N THR B 65 1.43 -5.55 8.14
CA THR B 65 2.47 -5.92 7.18
C THR B 65 2.37 -5.29 5.79
N HIS B 66 1.15 -5.09 5.29
CA HIS B 66 0.95 -4.61 3.91
C HIS B 66 0.81 -3.09 3.71
N GLN B 67 0.04 -2.43 4.58
CA GLN B 67 -0.09 -1.00 4.57
C GLN B 67 0.57 -0.61 5.89
N LEU B 68 1.57 0.25 5.84
CA LEU B 68 2.28 0.61 7.06
C LEU B 68 1.84 1.95 7.62
N ASP B 69 1.47 1.92 8.90
CA ASP B 69 0.89 3.04 9.61
C ASP B 69 1.87 3.61 10.62
N GLY B 70 1.99 4.94 10.64
CA GLY B 70 2.85 5.64 11.59
C GLY B 70 4.33 5.39 11.62
N ILE B 71 4.84 5.06 12.79
CA ILE B 71 6.27 4.86 13.03
C ILE B 71 6.87 3.73 12.23
N PHE B 72 6.12 2.66 12.03
CA PHE B 72 6.67 1.58 11.24
C PHE B 72 6.94 2.13 9.85
N LEU B 73 6.01 2.91 9.33
CA LEU B 73 6.21 3.54 8.04
C LEU B 73 7.41 4.47 8.11
N GLN B 74 7.52 5.25 9.18
CA GLN B 74 8.61 6.20 9.34
C GLN B 74 9.95 5.50 9.40
N GLN B 75 10.02 4.47 10.25
CA GLN B 75 11.23 3.69 10.42
C GLN B 75 11.75 3.13 9.10
N GLU B 76 10.82 2.69 8.26
CA GLU B 76 11.15 2.01 7.01
C GLU B 76 11.72 2.98 5.99
N LYS B 77 11.42 4.26 6.19
CA LYS B 77 11.91 5.31 5.30
C LYS B 77 13.13 5.99 5.90
N GLY B 78 13.54 5.53 7.09
CA GLY B 78 14.67 6.11 7.78
C GLY B 78 14.36 7.53 8.25
N LEU B 79 13.07 7.86 8.32
CA LEU B 79 12.66 9.17 8.82
C LEU B 79 12.81 9.24 10.33
N ILE B 80 13.26 8.16 10.94
CA ILE B 80 13.51 8.17 12.37
C ILE B 80 14.69 7.29 12.77
N THR B 81 14.90 7.14 14.07
CA THR B 81 16.03 6.38 14.55
C THR B 81 15.58 5.15 15.30
N PRO B 82 16.40 4.09 15.27
CA PRO B 82 16.04 2.92 16.05
C PRO B 82 15.60 3.34 17.45
N ALA B 83 16.35 4.24 18.08
CA ALA B 83 16.01 4.70 19.43
C ALA B 83 14.61 5.31 19.45
N GLU B 84 14.34 6.19 18.50
CA GLU B 84 13.03 6.84 18.41
C GLU B 84 11.94 5.79 18.24
N PHE B 85 12.20 4.79 17.40
CA PHE B 85 11.23 3.77 17.12
C PHE B 85 10.89 2.99 18.39
N ARG B 86 11.91 2.72 19.22
CA ARG B 86 11.70 2.01 20.48
C ARG B 86 10.81 2.82 21.42
N ASP B 87 11.06 4.11 21.51
CA ASP B 87 10.25 4.96 22.39
C ASP B 87 8.83 5.01 21.86
N GLY B 88 8.71 5.06 20.54
CA GLY B 88 7.41 4.97 19.89
C GLY B 88 6.67 3.74 20.37
N ILE B 89 7.37 2.61 20.35
CA ILE B 89 6.80 1.36 20.85
C ILE B 89 6.36 1.47 22.31
N ARG B 90 7.26 1.95 23.17
CA ARG B 90 6.94 2.12 24.59
C ARG B 90 5.73 3.03 24.76
N GLU B 91 5.68 4.09 23.96
CA GLU B 91 4.60 5.04 24.04
C GLU B 91 3.28 4.38 23.74
N MET B 92 3.24 3.56 22.70
CA MET B 92 2.02 2.85 22.37
C MET B 92 1.68 1.84 23.46
N MET B 93 2.72 1.15 23.92
CA MET B 93 2.60 0.12 24.94
C MET B 93 2.14 0.66 26.28
N GLY B 94 2.64 1.84 26.63
CA GLY B 94 2.37 2.40 27.93
C GLY B 94 3.32 1.78 28.94
N LYS B 95 3.41 0.45 28.95
CA LYS B 95 4.28 -0.26 29.89
C LYS B 95 5.76 -0.11 29.57
N MET B 96 6.61 -0.48 30.53
CA MET B 96 8.05 -0.36 30.36
C MET B 96 8.75 -1.63 29.93
N VAL B 97 9.57 -1.51 28.89
CA VAL B 97 10.34 -2.62 28.37
C VAL B 97 11.71 -2.13 27.91
N SER B 98 12.67 -3.02 27.95
CA SER B 98 14.03 -2.73 27.53
C SER B 98 14.18 -2.71 26.03
N ASP B 99 15.17 -1.99 25.55
CA ASP B 99 15.46 -1.96 24.12
C ASP B 99 15.67 -3.37 23.59
N LYS B 100 16.15 -4.26 24.45
CA LYS B 100 16.44 -5.65 24.07
C LYS B 100 15.17 -6.44 23.79
N GLN B 101 14.20 -6.32 24.68
CA GLN B 101 12.93 -7.03 24.54
C GLN B 101 12.24 -6.61 23.25
N ILE B 102 12.29 -5.31 22.96
CA ILE B 102 11.63 -4.76 21.80
C ILE B 102 12.28 -5.27 20.51
N ASP B 103 13.62 -5.32 20.49
CA ASP B 103 14.35 -5.87 19.35
C ASP B 103 14.11 -7.36 19.17
N ALA B 104 14.20 -8.12 20.25
CA ALA B 104 13.87 -9.54 20.20
C ALA B 104 12.51 -9.72 19.53
N ALA B 105 11.46 -9.17 20.14
CA ALA B 105 10.12 -9.22 19.55
C ALA B 105 10.10 -8.80 18.06
N TRP B 106 10.64 -7.61 17.76
CA TRP B 106 10.67 -7.09 16.39
C TRP B 106 11.37 -8.07 15.45
N ASN B 107 12.57 -8.49 15.84
CA ASN B 107 13.37 -9.39 15.01
C ASN B 107 12.78 -10.78 14.80
N SER B 108 11.96 -11.24 15.74
CA SER B 108 11.29 -12.55 15.62
C SER B 108 10.40 -12.64 14.38
N PHE B 109 10.19 -11.52 13.70
CA PHE B 109 9.42 -11.50 12.47
C PHE B 109 10.24 -12.18 11.37
N LEU B 110 11.56 -12.14 11.54
CA LEU B 110 12.47 -12.74 10.58
C LEU B 110 12.82 -14.17 11.01
N VAL B 111 12.76 -15.10 10.09
CA VAL B 111 13.12 -16.47 10.40
C VAL B 111 14.53 -16.82 9.93
N ASP B 112 14.68 -17.07 8.65
CA ASP B 112 15.92 -17.61 8.13
C ASP B 112 16.00 -17.46 6.62
N ILE B 113 17.21 -17.51 6.09
CA ILE B 113 17.43 -17.56 4.64
C ILE B 113 17.96 -18.94 4.26
N PRO B 114 17.13 -19.75 3.58
CA PRO B 114 17.67 -21.08 3.31
C PRO B 114 19.00 -20.97 2.58
N THR B 115 19.99 -21.74 3.02
CA THR B 115 21.34 -21.60 2.47
C THR B 115 21.41 -21.83 0.94
N TYR B 116 20.47 -22.59 0.38
CA TYR B 116 20.55 -22.80 -1.07
C TYR B 116 20.20 -21.54 -1.84
N LYS B 117 19.61 -20.57 -1.17
CA LYS B 117 19.31 -19.30 -1.82
C LYS B 117 20.60 -18.47 -1.89
N LEU B 118 21.38 -18.53 -0.82
CA LEU B 118 22.69 -17.90 -0.82
C LEU B 118 23.56 -18.50 -1.92
N ASP B 119 23.55 -19.83 -2.04
CA ASP B 119 24.25 -20.47 -3.13
C ASP B 119 23.82 -19.81 -4.42
N LEU B 120 22.51 -19.74 -4.62
CA LEU B 120 21.94 -19.26 -5.86
C LEU B 120 22.45 -17.86 -6.21
N LEU B 121 22.50 -17.00 -5.19
CA LEU B 121 22.98 -15.64 -5.37
C LEU B 121 24.42 -15.65 -5.86
N LEU B 122 25.26 -16.42 -5.17
CA LEU B 122 26.68 -16.55 -5.52
C LEU B 122 26.83 -17.09 -6.93
N LYS B 123 26.03 -18.09 -7.26
CA LYS B 123 25.99 -18.62 -8.61
C LYS B 123 25.55 -17.55 -9.61
N LEU B 124 24.48 -16.82 -9.29
CA LEU B 124 23.91 -15.88 -10.23
C LEU B 124 24.88 -14.75 -10.59
N ARG B 125 25.76 -14.40 -9.65
CA ARG B 125 26.73 -13.34 -9.87
C ARG B 125 27.69 -13.66 -11.00
N GLU B 126 27.80 -14.94 -11.35
CA GLU B 126 28.65 -15.34 -12.46
C GLU B 126 28.15 -14.73 -13.74
N LYS B 127 26.83 -14.57 -13.85
CA LYS B 127 26.20 -14.27 -15.11
C LYS B 127 25.44 -12.94 -15.13
N TYR B 128 25.35 -12.30 -13.97
CA TYR B 128 24.52 -11.11 -13.84
C TYR B 128 25.14 -10.17 -12.82
N VAL B 129 24.74 -8.90 -12.88
CA VAL B 129 25.05 -7.97 -11.81
C VAL B 129 23.85 -8.00 -10.86
N VAL B 130 24.10 -8.36 -9.60
CA VAL B 130 23.03 -8.66 -8.65
C VAL B 130 22.87 -7.56 -7.61
N TYR B 131 21.69 -6.98 -7.53
CA TYR B 131 21.43 -5.96 -6.51
C TYR B 131 20.28 -6.34 -5.56
N LEU B 132 20.40 -5.95 -4.30
CA LEU B 132 19.28 -5.99 -3.38
C LEU B 132 18.56 -4.65 -3.37
N LEU B 133 17.23 -4.70 -3.46
CA LEU B 133 16.39 -3.52 -3.27
C LEU B 133 15.29 -3.85 -2.26
N SER B 134 15.38 -3.32 -1.05
CA SER B 134 14.45 -3.76 -0.02
C SER B 134 13.93 -2.68 0.91
N ASN B 135 12.62 -2.67 1.13
CA ASN B 135 12.04 -1.91 2.24
C ASN B 135 12.44 -2.60 3.52
N THR B 136 13.17 -1.89 4.38
CA THR B 136 13.57 -2.51 5.63
C THR B 136 13.91 -1.41 6.64
N ASN B 137 14.41 -1.81 7.79
CA ASN B 137 14.81 -0.86 8.80
C ASN B 137 16.17 -1.23 9.40
N ASP B 138 16.89 -0.23 9.89
CA ASP B 138 18.22 -0.45 10.47
C ASP B 138 18.25 -1.66 11.42
N ILE B 139 17.26 -1.76 12.31
CA ILE B 139 17.21 -2.88 13.26
C ILE B 139 17.12 -4.24 12.59
N HIS B 140 16.12 -4.42 11.74
CA HIS B 140 16.01 -5.65 10.97
C HIS B 140 17.27 -5.89 10.15
N TRP B 141 17.73 -4.86 9.47
CA TRP B 141 18.87 -5.02 8.59
C TRP B 141 20.08 -5.53 9.32
N LYS B 142 20.31 -5.00 10.52
CA LYS B 142 21.44 -5.47 11.30
C LYS B 142 21.31 -6.96 11.65
N TRP B 143 20.15 -7.35 12.17
CA TRP B 143 19.93 -8.74 12.55
C TRP B 143 20.19 -9.67 11.35
N VAL B 144 19.74 -9.25 10.18
CA VAL B 144 19.92 -10.05 8.98
C VAL B 144 21.39 -10.17 8.63
N CYS B 145 22.12 -9.08 8.79
CA CYS B 145 23.54 -9.08 8.45
C CYS B 145 24.31 -9.96 9.41
N LYS B 146 23.97 -9.84 10.69
CA LYS B 146 24.63 -10.59 11.74
C LYS B 146 24.26 -12.08 11.72
N ASN B 147 23.00 -12.37 11.39
CA ASN B 147 22.41 -13.68 11.68
C ASN B 147 21.93 -14.52 10.50
N ALA B 148 21.72 -13.90 9.34
CA ALA B 148 21.10 -14.63 8.24
C ALA B 148 21.97 -14.66 6.99
N PHE B 149 22.82 -13.66 6.83
CA PHE B 149 23.66 -13.62 5.63
C PHE B 149 24.97 -14.40 5.77
N PRO B 150 25.54 -14.39 6.99
CA PRO B 150 26.79 -15.13 7.19
C PRO B 150 26.55 -16.60 6.89
N TYR B 151 27.33 -17.14 5.98
CA TYR B 151 27.17 -18.53 5.57
C TYR B 151 28.53 -19.05 5.18
N ARG B 152 29.01 -20.06 5.88
CA ARG B 152 30.34 -20.53 5.59
C ARG B 152 31.24 -19.35 5.84
N THR B 153 32.08 -19.03 4.88
CA THR B 153 32.94 -17.87 5.00
C THR B 153 32.38 -16.65 4.30
N PHE B 154 31.15 -16.73 3.82
CA PHE B 154 30.56 -15.62 3.08
C PHE B 154 29.78 -14.66 3.97
N LYS B 155 29.77 -13.40 3.58
CA LYS B 155 29.06 -12.34 4.29
C LYS B 155 28.13 -11.67 3.30
N VAL B 156 27.35 -10.71 3.80
CA VAL B 156 26.35 -10.04 2.96
C VAL B 156 26.99 -9.32 1.76
N GLU B 157 28.17 -8.75 1.95
CA GLU B 157 28.85 -8.03 0.86
C GLU B 157 29.15 -8.96 -0.29
N ASP B 158 29.16 -10.26 0.01
CA ASP B 158 29.53 -11.27 -0.98
C ASP B 158 28.43 -11.54 -1.99
N TYR B 159 27.19 -11.23 -1.62
CA TYR B 159 26.07 -11.65 -2.46
C TYR B 159 25.59 -10.60 -3.44
N PHE B 160 25.88 -9.33 -3.17
CA PHE B 160 25.32 -8.24 -3.97
C PHE B 160 26.34 -7.22 -4.47
N GLU B 161 26.19 -6.82 -5.73
CA GLU B 161 26.94 -5.70 -6.26
C GLU B 161 26.72 -4.51 -5.35
N LYS B 162 25.47 -4.26 -4.98
CA LYS B 162 25.15 -3.25 -3.99
C LYS B 162 23.81 -3.50 -3.30
N THR B 163 23.67 -3.00 -2.08
CA THR B 163 22.44 -3.21 -1.31
C THR B 163 21.64 -1.93 -1.08
N TYR B 164 20.59 -1.72 -1.85
CA TYR B 164 19.74 -0.54 -1.71
C TYR B 164 18.63 -0.72 -0.68
N LEU B 165 18.67 0.11 0.36
CA LEU B 165 17.73 -0.02 1.47
C LEU B 165 16.84 1.21 1.62
N SER B 166 15.54 0.97 1.70
CA SER B 166 14.55 2.03 1.83
C SER B 166 14.89 3.07 2.91
N TYR B 167 15.49 2.63 4.03
CA TYR B 167 15.74 3.55 5.12
C TYR B 167 17.05 4.33 4.95
N GLU B 168 17.92 3.87 4.07
CA GLU B 168 19.07 4.68 3.71
C GLU B 168 18.65 5.65 2.62
N MET B 169 17.97 5.14 1.59
CA MET B 169 17.56 5.96 0.44
C MET B 169 16.48 6.95 0.81
N LYS B 170 15.81 6.69 1.92
CA LYS B 170 14.79 7.61 2.42
C LYS B 170 13.51 7.46 1.61
N MET B 171 13.49 6.50 0.68
CA MET B 171 12.32 6.23 -0.12
C MET B 171 11.83 4.82 0.21
N ALA B 172 10.71 4.41 -0.40
CA ALA B 172 10.20 3.06 -0.18
C ALA B 172 9.43 2.53 -1.37
N LYS B 173 9.58 1.25 -1.65
CA LYS B 173 8.74 0.66 -2.65
C LYS B 173 7.32 0.82 -2.12
N PRO B 174 6.32 0.94 -3.00
CA PRO B 174 6.43 1.02 -4.46
C PRO B 174 6.55 2.45 -5.03
N GLU B 175 7.13 3.39 -4.30
CA GLU B 175 7.36 4.74 -4.86
C GLU B 175 8.19 4.71 -6.14
N PRO B 176 7.61 5.13 -7.27
CA PRO B 176 8.32 5.10 -8.56
C PRO B 176 9.69 5.73 -8.47
N GLU B 177 9.81 6.70 -7.58
CA GLU B 177 11.06 7.40 -7.36
C GLU B 177 12.22 6.45 -7.01
N ILE B 178 11.95 5.44 -6.18
CA ILE B 178 12.99 4.52 -5.73
C ILE B 178 13.57 3.63 -6.83
N PHE B 179 12.75 3.33 -7.83
CA PHE B 179 13.19 2.54 -8.96
C PHE B 179 14.12 3.30 -9.89
N LYS B 180 13.86 4.58 -10.08
CA LYS B 180 14.74 5.43 -10.89
C LYS B 180 16.05 5.62 -10.14
N ALA B 181 15.93 5.97 -8.87
CA ALA B 181 17.09 6.20 -8.02
C ALA B 181 18.07 5.03 -8.06
N VAL B 182 17.57 3.84 -8.28
CA VAL B 182 18.44 2.66 -8.29
C VAL B 182 19.09 2.45 -9.64
N THR B 183 18.31 2.49 -10.71
CA THR B 183 18.85 2.32 -12.07
C THR B 183 19.90 3.37 -12.42
N GLU B 184 19.61 4.62 -12.07
CA GLU B 184 20.58 5.69 -12.28
C GLU B 184 21.82 5.48 -11.43
N ASP B 185 21.65 5.45 -10.11
CA ASP B 185 22.79 5.30 -9.21
C ASP B 185 23.66 4.09 -9.52
N ALA B 186 23.06 3.06 -10.11
CA ALA B 186 23.79 1.84 -10.43
C ALA B 186 24.32 1.89 -11.86
N GLY B 187 23.89 2.92 -12.59
CA GLY B 187 24.25 3.06 -13.99
C GLY B 187 23.83 1.84 -14.77
N ILE B 188 22.54 1.55 -14.74
CA ILE B 188 22.02 0.36 -15.42
C ILE B 188 20.71 0.69 -16.10
N ASP B 189 20.44 -0.02 -17.19
CA ASP B 189 19.23 0.19 -17.97
C ASP B 189 18.03 -0.64 -17.44
N PRO B 190 16.93 0.04 -17.09
CA PRO B 190 15.73 -0.64 -16.66
C PRO B 190 15.41 -1.81 -17.57
N LYS B 191 15.56 -1.59 -18.88
CA LYS B 191 15.18 -2.56 -19.88
C LYS B 191 16.00 -3.84 -19.75
N GLU B 192 17.21 -3.72 -19.23
CA GLU B 192 18.09 -4.88 -19.04
C GLU B 192 18.08 -5.33 -17.58
N THR B 193 16.98 -5.06 -16.87
CA THR B 193 16.89 -5.50 -15.49
C THR B 193 15.68 -6.37 -15.18
N PHE B 194 15.92 -7.42 -14.40
CA PHE B 194 14.88 -8.32 -13.91
C PHE B 194 14.71 -8.14 -12.39
N PHE B 195 13.46 -8.01 -11.97
CA PHE B 195 13.10 -7.65 -10.60
C PHE B 195 12.23 -8.74 -9.99
N ILE B 196 12.68 -9.27 -8.85
CA ILE B 196 11.98 -10.35 -8.15
C ILE B 196 11.51 -9.91 -6.77
N ASP B 197 10.19 -9.79 -6.62
CA ASP B 197 9.60 -9.23 -5.40
C ASP B 197 8.25 -9.89 -5.18
N ASP B 198 7.95 -10.27 -3.93
CA ASP B 198 6.69 -10.95 -3.65
C ASP B 198 5.52 -9.98 -3.59
N SER B 199 5.79 -8.69 -3.79
CA SER B 199 4.72 -7.69 -3.81
C SER B 199 4.26 -7.37 -5.21
N GLU B 200 2.99 -7.65 -5.47
CA GLU B 200 2.38 -7.42 -6.75
C GLU B 200 2.51 -5.95 -7.15
N ILE B 201 2.19 -5.06 -6.21
CA ILE B 201 2.23 -3.63 -6.50
C ILE B 201 3.64 -3.16 -6.82
N ASN B 202 4.63 -3.65 -6.07
CA ASN B 202 6.00 -3.23 -6.31
C ASN B 202 6.38 -3.58 -7.73
N CYS B 203 5.95 -4.76 -8.14
CA CYS B 203 6.25 -5.23 -9.48
C CYS B 203 5.57 -4.42 -10.56
N LYS B 204 4.30 -4.06 -10.35
CA LYS B 204 3.54 -3.32 -11.35
C LYS B 204 4.17 -1.97 -11.60
N VAL B 205 4.59 -1.32 -10.53
CA VAL B 205 5.26 -0.04 -10.63
C VAL B 205 6.54 -0.19 -11.44
N ALA B 206 7.37 -1.16 -11.06
CA ALA B 206 8.62 -1.43 -11.77
C ALA B 206 8.39 -1.74 -13.24
N GLN B 207 7.37 -2.56 -13.53
CA GLN B 207 7.02 -2.91 -14.90
C GLN B 207 6.71 -1.66 -15.73
N GLU B 208 6.09 -0.69 -15.07
CA GLU B 208 5.77 0.56 -15.73
C GLU B 208 7.04 1.27 -16.12
N LEU B 209 8.11 0.94 -15.43
CA LEU B 209 9.37 1.63 -15.57
C LEU B 209 10.21 0.99 -16.66
N GLY B 210 9.74 -0.12 -17.21
CA GLY B 210 10.48 -0.87 -18.22
C GLY B 210 11.16 -2.13 -17.68
N ILE B 211 11.09 -2.34 -16.38
CA ILE B 211 11.71 -3.51 -15.75
C ILE B 211 10.86 -4.78 -15.94
N SER B 212 11.53 -5.93 -15.89
CA SER B 212 10.84 -7.22 -15.91
C SER B 212 10.78 -7.78 -14.51
N THR B 213 9.73 -8.53 -14.21
CA THR B 213 9.48 -8.93 -12.82
C THR B 213 8.99 -10.36 -12.65
N TYR B 214 9.24 -10.92 -11.48
CA TYR B 214 8.59 -12.15 -11.08
C TYR B 214 8.13 -11.99 -9.64
N THR B 215 6.94 -12.50 -9.36
CA THR B 215 6.33 -12.35 -8.06
C THR B 215 6.21 -13.71 -7.37
N PRO B 216 7.29 -14.13 -6.70
CA PRO B 216 7.30 -15.43 -6.03
C PRO B 216 6.17 -15.54 -5.01
N LYS B 217 5.75 -16.75 -4.67
CA LYS B 217 4.83 -16.97 -3.54
C LYS B 217 5.60 -17.27 -2.26
N ALA B 218 4.94 -17.10 -1.12
CA ALA B 218 5.57 -17.39 0.16
C ALA B 218 6.24 -18.75 0.13
N GLY B 219 7.49 -18.80 0.59
CA GLY B 219 8.20 -20.06 0.70
C GLY B 219 8.65 -20.61 -0.64
N GLU B 220 8.37 -19.87 -1.70
CA GLU B 220 8.74 -20.35 -3.03
C GLU B 220 10.24 -20.35 -3.29
N ASP B 221 10.67 -21.38 -4.01
CA ASP B 221 12.04 -21.52 -4.48
C ASP B 221 12.04 -21.17 -5.97
N TRP B 222 12.56 -19.99 -6.31
CA TRP B 222 12.42 -19.44 -7.66
C TRP B 222 13.60 -19.74 -8.59
N SER B 223 14.47 -20.66 -8.18
CA SER B 223 15.59 -21.03 -9.02
C SER B 223 15.12 -21.57 -10.38
N HIS B 224 13.92 -22.14 -10.43
CA HIS B 224 13.41 -22.62 -11.69
C HIS B 224 13.53 -21.52 -12.76
N LEU B 225 13.63 -20.27 -12.33
CA LEU B 225 13.75 -19.15 -13.26
C LEU B 225 14.97 -19.26 -14.17
N PHE B 226 16.02 -19.93 -13.67
CA PHE B 226 17.31 -19.97 -14.33
C PHE B 226 17.69 -21.39 -14.77
N ARG B 227 16.69 -22.24 -14.97
CA ARG B 227 16.92 -23.57 -15.51
C ARG B 227 17.23 -23.45 -16.99
N LYS B 228 17.82 -24.50 -17.56
CA LYS B 228 18.12 -24.51 -18.99
C LYS B 228 17.87 -25.89 -19.62
MG MG C . -7.63 8.61 0.67
P PO4 D . -10.99 6.60 -2.56
O1 PO4 D . -10.08 6.24 -3.64
O2 PO4 D . -12.29 5.95 -2.76
O3 PO4 D . -10.44 6.17 -1.27
O4 PO4 D . -11.18 8.05 -2.56
C1 GOL E . -12.31 5.27 1.35
O1 GOL E . -11.86 6.51 0.83
C2 GOL E . -13.18 4.59 0.31
O2 GOL E . -13.91 5.57 -0.41
C3 GOL E . -14.18 3.65 0.96
O3 GOL E . -15.35 3.63 0.16
MG MG F . 7.39 -8.42 0.52
P PO4 G . 11.47 -5.87 1.34
O1 PO4 G . 11.13 -4.85 0.35
O2 PO4 G . 12.56 -5.43 2.22
O3 PO4 G . 10.30 -6.16 2.19
O4 PO4 G . 11.93 -7.04 0.61
P PO4 H . 5.81 -2.79 1.94
O1 PO4 H . 5.31 -1.43 2.03
O2 PO4 H . 4.96 -3.67 2.74
O3 PO4 H . 5.80 -3.23 0.54
O4 PO4 H . 7.19 -2.85 2.44
C1 GOL I . 12.55 -6.67 6.98
O1 GOL I . 12.50 -5.31 7.31
C2 GOL I . 11.20 -7.08 6.39
O2 GOL I . 10.30 -6.00 6.47
C3 GOL I . 11.39 -7.48 4.93
O3 GOL I . 10.13 -7.74 4.38
#